data_5Q1P
#
_entry.id   5Q1P
#
_cell.length_a   51.880
_cell.length_b   57.070
_cell.length_c   114.860
_cell.angle_alpha   90.000
_cell.angle_beta   90.000
_cell.angle_gamma   90.000
#
_symmetry.space_group_name_H-M   'P 21 21 21'
#
loop_
_entity.id
_entity.type
_entity.pdbx_description
1 polymer 'DNA cross-link repair 1A protein'
2 non-polymer 'MALONATE ION'
3 non-polymer 'NICKEL (II) ION'
4 non-polymer 1-cyclohexyl-3-(2-pyridin-4-ylethyl)urea
5 water water
#
_entity_poly.entity_id   1
_entity_poly.type   'polypeptide(L)'
_entity_poly.pdbx_seq_one_letter_code
;KKTCPFYKKIPGTGFTVDAFQYGVVEGCTAYFLTHFHSDHYAGLSKHFTFPVYCSEITGNLLKNKLHVQEQYIHPLPLDT
ECIVNGVKVVLLDANHCPGAVMILFYLPNGTVILHTGDFRADPSMERSLLADQKVHMLYLDTTYCSPEYTFPSQQEVIRF
AINTAFEAVTLNPHALVVCGTYSIGKEKVFLAIADVLGSKVGMSQEKYKTLQCLNIPEINSLITTDMCSSLVHLLPMMQI
NFKGLQSHLKKCGGKYNQILAFRPTGWTHSNKFTRIADVIPQTKGNISIYGIPYSEHSSYLEMKRFVQWLKPQKIIPTVN
VGTWKSRSTMEKYFREWKLEAGY
;
_entity_poly.pdbx_strand_id   A
#
loop_
_chem_comp.id
_chem_comp.type
_chem_comp.name
_chem_comp.formula
AWP non-polymer 1-cyclohexyl-3-(2-pyridin-4-ylethyl)urea 'C14 H21 N3 O'
MLI non-polymer 'MALONATE ION' 'C3 H2 O4 -2'
NI non-polymer 'NICKEL (II) ION' 'Ni 2'
#
# COMPACT_ATOMS: atom_id res chain seq x y z
N THR A 3 -20.25 7.54 -13.71
CA THR A 3 -19.48 8.80 -14.02
C THR A 3 -18.32 9.00 -13.01
N CYS A 4 -17.34 9.81 -13.36
CA CYS A 4 -16.17 10.03 -12.46
C CYS A 4 -16.63 10.75 -11.18
N PRO A 5 -16.31 10.21 -10.00
CA PRO A 5 -16.76 10.88 -8.77
C PRO A 5 -16.01 12.19 -8.52
N PHE A 6 -16.68 13.10 -7.83
CA PHE A 6 -16.09 14.42 -7.52
C PHE A 6 -14.75 14.32 -6.79
N TYR A 7 -14.62 13.31 -5.92
CA TYR A 7 -13.41 13.15 -5.10
C TYR A 7 -12.16 12.66 -5.88
N LYS A 8 -12.30 12.40 -7.18
CA LYS A 8 -11.17 12.08 -8.07
C LYS A 8 -10.79 13.26 -9.00
N LYS A 9 -11.47 14.40 -8.83
CA LYS A 9 -11.24 15.57 -9.64
C LYS A 9 -10.55 16.65 -8.78
N ILE A 10 -9.55 17.33 -9.35
CA ILE A 10 -8.81 18.43 -8.66
C ILE A 10 -9.30 19.80 -9.18
N PRO A 11 -10.04 20.56 -8.34
CA PRO A 11 -10.68 21.78 -8.87
C PRO A 11 -9.66 22.85 -9.28
N GLY A 12 -10.01 23.64 -10.28
CA GLY A 12 -9.13 24.70 -10.76
C GLY A 12 -8.04 24.22 -11.67
N THR A 13 -8.10 22.92 -12.04
CA THR A 13 -7.12 22.30 -12.91
C THR A 13 -7.80 21.40 -13.95
N GLY A 14 -6.98 20.93 -14.88
CA GLY A 14 -7.39 19.89 -15.82
C GLY A 14 -7.04 18.50 -15.32
N PHE A 15 -6.91 18.29 -14.01
CA PHE A 15 -6.35 17.01 -13.55
C PHE A 15 -7.34 16.08 -12.89
N THR A 16 -7.15 14.77 -13.11
CA THR A 16 -7.79 13.74 -12.28
C THR A 16 -6.74 12.89 -11.59
N VAL A 17 -7.18 12.18 -10.55
CA VAL A 17 -6.32 11.25 -9.77
C VAL A 17 -7.01 9.88 -9.70
N ASP A 18 -6.28 8.85 -10.14
CA ASP A 18 -6.73 7.45 -10.10
C ASP A 18 -8.10 7.24 -10.77
N ALA A 19 -8.23 7.84 -11.96
CA ALA A 19 -9.52 7.93 -12.69
C ALA A 19 -9.42 7.38 -14.13
N PHE A 20 -9.12 6.08 -14.24
CA PHE A 20 -8.82 5.44 -15.55
C PHE A 20 -9.94 4.52 -16.07
N GLN A 21 -11.03 4.38 -15.29
CA GLN A 21 -12.14 3.43 -15.61
C GLN A 21 -13.45 4.11 -16.07
N TYR A 22 -13.37 5.38 -16.45
CA TYR A 22 -14.55 6.18 -16.79
C TYR A 22 -14.52 6.65 -18.25
N GLY A 23 -13.66 6.05 -19.07
CA GLY A 23 -13.41 6.53 -20.42
C GLY A 23 -12.73 7.89 -20.45
N VAL A 24 -13.05 8.69 -21.46
CA VAL A 24 -12.46 10.03 -21.61
C VAL A 24 -13.21 10.97 -20.66
N VAL A 25 -12.51 11.45 -19.63
CA VAL A 25 -13.12 12.38 -18.68
C VAL A 25 -13.07 13.77 -19.30
N GLU A 26 -14.24 14.37 -19.51
CA GLU A 26 -14.36 15.67 -20.16
C GLU A 26 -13.56 16.73 -19.41
N GLY A 27 -12.69 17.42 -20.12
CA GLY A 27 -11.87 18.48 -19.55
C GLY A 27 -10.55 18.02 -18.93
N CYS A 28 -10.29 16.71 -18.88
CA CYS A 28 -9.06 16.22 -18.26
C CYS A 28 -7.90 16.24 -19.25
N THR A 29 -6.88 17.02 -18.93
CA THR A 29 -5.66 17.19 -19.75
C THR A 29 -4.45 16.34 -19.28
N ALA A 30 -4.52 15.86 -18.04
CA ALA A 30 -3.48 14.99 -17.45
C ALA A 30 -4.10 14.09 -16.38
N TYR A 31 -3.80 12.80 -16.48
CA TYR A 31 -4.27 11.77 -15.54
C TYR A 31 -3.10 11.37 -14.61
N PHE A 32 -3.26 11.63 -13.32
CA PHE A 32 -2.27 11.17 -12.30
C PHE A 32 -2.64 9.78 -11.78
N LEU A 33 -1.60 8.96 -11.56
CA LEU A 33 -1.74 7.63 -10.92
C LEU A 33 -0.86 7.55 -9.68
N THR A 34 -1.47 7.43 -8.51
CA THR A 34 -0.75 7.43 -7.22
C THR A 34 0.09 6.19 -6.98
N HIS A 35 -0.42 5.02 -7.41
CA HIS A 35 0.29 3.75 -7.19
C HIS A 35 -0.30 2.64 -8.04
N PHE A 36 0.47 1.57 -8.22
CA PHE A 36 0.10 0.40 -9.03
C PHE A 36 -0.70 -0.67 -8.22
N HIS A 37 -1.89 -0.29 -7.77
CA HIS A 37 -2.91 -1.25 -7.25
C HIS A 37 -4.14 -1.21 -8.15
N SER A 38 -4.77 -2.38 -8.34
CA SER A 38 -5.74 -2.54 -9.42
C SER A 38 -6.99 -1.64 -9.31
N ASP A 39 -7.49 -1.40 -8.09
CA ASP A 39 -8.67 -0.51 -7.92
C ASP A 39 -8.36 0.94 -8.38
N HIS A 40 -7.05 1.29 -8.39
CA HIS A 40 -6.58 2.61 -8.80
C HIS A 40 -6.17 2.73 -10.27
N TYR A 41 -5.51 1.70 -10.82
CA TYR A 41 -5.11 1.68 -12.26
C TYR A 41 -6.20 1.16 -13.21
N ALA A 42 -7.25 0.53 -12.68
CA ALA A 42 -8.32 -0.10 -13.50
C ALA A 42 -8.70 0.75 -14.69
N GLY A 43 -8.54 0.20 -15.89
CA GLY A 43 -8.80 0.91 -17.14
C GLY A 43 -7.60 1.16 -18.04
N LEU A 44 -6.39 1.24 -17.49
CA LEU A 44 -5.15 1.43 -18.28
C LEU A 44 -4.74 0.18 -19.08
N SER A 45 -4.18 0.40 -20.27
CA SER A 45 -3.70 -0.64 -21.19
C SER A 45 -2.79 -0.02 -22.26
N LYS A 46 -2.29 -0.87 -23.16
CA LYS A 46 -1.47 -0.41 -24.31
C LYS A 46 -2.16 0.56 -25.27
N HIS A 47 -3.48 0.69 -25.18
CA HIS A 47 -4.24 1.60 -26.04
C HIS A 47 -4.54 2.98 -25.42
N PHE A 48 -4.06 3.21 -24.20
CA PHE A 48 -4.23 4.51 -23.54
C PHE A 48 -3.32 5.56 -24.20
N THR A 49 -3.91 6.69 -24.64
CA THR A 49 -3.14 7.74 -25.36
C THR A 49 -3.26 9.16 -24.79
N PHE A 50 -3.50 9.27 -23.48
CA PHE A 50 -3.37 10.55 -22.77
C PHE A 50 -2.14 10.50 -21.85
N PRO A 51 -1.60 11.68 -21.49
CA PRO A 51 -0.44 11.72 -20.58
C PRO A 51 -0.79 11.15 -19.20
N VAL A 52 0.08 10.26 -18.69
CA VAL A 52 -0.07 9.70 -17.34
C VAL A 52 1.13 10.17 -16.54
N TYR A 53 0.86 10.78 -15.39
CA TYR A 53 1.90 11.26 -14.48
C TYR A 53 1.96 10.38 -13.24
N CYS A 54 3.19 9.99 -12.87
CA CYS A 54 3.39 8.99 -11.80
C CYS A 54 4.83 8.95 -11.33
N SER A 55 5.15 8.12 -10.32
CA SER A 55 6.53 7.90 -9.92
C SER A 55 7.30 7.07 -10.95
N GLU A 56 8.62 7.07 -10.84
CA GLU A 56 9.48 6.19 -11.67
C GLU A 56 9.09 4.69 -11.57
N ILE A 57 8.94 4.21 -10.32
CA ILE A 57 8.55 2.81 -10.11
C ILE A 57 7.20 2.47 -10.74
N THR A 58 6.19 3.32 -10.50
CA THR A 58 4.88 3.12 -11.14
C THR A 58 5.00 3.09 -12.68
N GLY A 59 5.85 3.96 -13.22
CA GLY A 59 6.08 3.98 -14.66
C GLY A 59 6.69 2.71 -15.26
N ASN A 60 7.62 2.09 -14.51
CA ASN A 60 8.23 0.82 -14.87
C ASN A 60 7.17 -0.25 -14.96
N LEU A 61 6.25 -0.25 -13.98
CA LEU A 61 5.15 -1.24 -13.94
C LEU A 61 4.12 -1.00 -15.07
N LEU A 62 3.78 0.26 -15.35
CA LEU A 62 2.90 0.57 -16.48
C LEU A 62 3.45 0.05 -17.82
N LYS A 63 4.73 0.31 -18.06
CA LYS A 63 5.40 -0.09 -19.31
C LYS A 63 5.50 -1.59 -19.44
N ASN A 64 5.94 -2.26 -18.37
CA ASN A 64 6.28 -3.69 -18.44
C ASN A 64 5.13 -4.66 -18.16
N LYS A 65 4.22 -4.29 -17.26
CA LYS A 65 3.10 -5.15 -16.90
C LYS A 65 1.82 -4.89 -17.69
N LEU A 66 1.49 -3.62 -17.91
CA LEU A 66 0.28 -3.23 -18.66
C LEU A 66 0.54 -2.87 -20.13
N HIS A 67 1.82 -2.76 -20.51
N HIS A 67 1.81 -2.74 -20.52
CA HIS A 67 2.27 -2.39 -21.85
CA HIS A 67 2.20 -2.48 -21.89
C HIS A 67 1.79 -1.05 -22.36
C HIS A 67 1.79 -1.06 -22.36
N VAL A 68 1.76 -0.08 -21.45
CA VAL A 68 1.47 1.32 -21.82
C VAL A 68 2.68 1.83 -22.62
N GLN A 69 2.44 2.52 -23.72
CA GLN A 69 3.54 3.00 -24.55
C GLN A 69 4.31 4.08 -23.85
N GLU A 70 5.61 4.05 -24.04
CA GLU A 70 6.56 4.91 -23.33
C GLU A 70 6.30 6.41 -23.55
N GLN A 71 5.91 6.79 -24.76
CA GLN A 71 5.63 8.21 -25.07
C GLN A 71 4.51 8.89 -24.24
N TYR A 72 3.62 8.10 -23.64
CA TYR A 72 2.57 8.61 -22.76
C TYR A 72 2.85 8.50 -21.25
N ILE A 73 3.98 7.90 -20.87
CA ILE A 73 4.35 7.76 -19.45
C ILE A 73 5.28 8.93 -19.07
N HIS A 74 4.85 9.73 -18.09
CA HIS A 74 5.62 10.88 -17.59
C HIS A 74 6.05 10.65 -16.11
N PRO A 75 7.19 9.97 -15.88
CA PRO A 75 7.64 9.75 -14.50
C PRO A 75 8.20 11.05 -13.91
N LEU A 76 7.93 11.32 -12.62
CA LEU A 76 8.47 12.49 -11.93
C LEU A 76 9.32 12.04 -10.75
N PRO A 77 10.46 12.70 -10.52
CA PRO A 77 11.23 12.43 -9.31
C PRO A 77 10.47 12.86 -8.06
N LEU A 78 10.78 12.23 -6.94
CA LEU A 78 10.17 12.59 -5.67
C LEU A 78 10.83 13.83 -5.08
N ASP A 79 10.07 14.52 -4.22
CA ASP A 79 10.57 15.62 -3.40
C ASP A 79 11.13 16.76 -4.22
N THR A 80 10.57 16.96 -5.41
CA THR A 80 11.10 17.91 -6.39
C THR A 80 9.95 18.73 -7.00
N GLU A 81 10.06 20.06 -6.98
CA GLU A 81 9.04 20.90 -7.62
C GLU A 81 9.10 20.72 -9.15
N CYS A 82 7.95 20.37 -9.77
CA CYS A 82 7.81 20.15 -11.20
C CYS A 82 6.63 20.94 -11.72
N ILE A 83 6.65 21.34 -13.00
CA ILE A 83 5.51 22.06 -13.60
C ILE A 83 4.80 21.15 -14.62
N VAL A 84 3.51 20.93 -14.41
CA VAL A 84 2.70 20.10 -15.31
C VAL A 84 1.53 20.95 -15.82
N ASN A 85 1.44 21.14 -17.14
CA ASN A 85 0.39 21.95 -17.78
C ASN A 85 0.15 23.27 -17.04
N GLY A 86 1.26 23.93 -16.73
CA GLY A 86 1.26 25.21 -16.08
C GLY A 86 1.03 25.25 -14.58
N VAL A 87 1.00 24.09 -13.90
CA VAL A 87 0.70 24.00 -12.47
C VAL A 87 1.89 23.31 -11.77
N LYS A 88 2.35 23.90 -10.68
CA LYS A 88 3.43 23.32 -9.84
C LYS A 88 2.87 22.13 -9.03
N VAL A 89 3.56 20.99 -9.12
CA VAL A 89 3.24 19.78 -8.35
C VAL A 89 4.49 19.22 -7.68
N VAL A 90 4.28 18.47 -6.59
CA VAL A 90 5.34 17.72 -5.91
C VAL A 90 4.79 16.30 -5.59
N LEU A 91 5.61 15.29 -5.86
CA LEU A 91 5.30 13.93 -5.40
C LEU A 91 6.07 13.63 -4.11
N LEU A 92 5.37 13.03 -3.12
CA LEU A 92 5.94 12.70 -1.80
C LEU A 92 5.76 11.22 -1.51
N ASP A 93 6.73 10.60 -0.84
CA ASP A 93 6.55 9.20 -0.46
C ASP A 93 5.30 8.97 0.44
N ALA A 94 4.45 7.99 0.06
CA ALA A 94 3.20 7.72 0.77
C ALA A 94 3.33 6.63 1.87
N ASN A 95 4.50 6.02 2.00
CA ASN A 95 4.67 4.85 2.94
C ASN A 95 3.51 3.83 2.79
N HIS A 96 3.25 3.47 1.53
CA HIS A 96 2.24 2.44 1.17
C HIS A 96 3.01 1.26 0.56
N CYS A 97 2.87 0.99 -0.72
CA CYS A 97 3.61 -0.03 -1.47
C CYS A 97 4.71 0.64 -2.28
N PRO A 98 5.60 -0.16 -2.91
CA PRO A 98 6.67 0.51 -3.69
C PRO A 98 6.12 1.39 -4.83
N GLY A 99 6.71 2.58 -4.94
CA GLY A 99 6.30 3.55 -5.96
C GLY A 99 5.09 4.41 -5.64
N ALA A 100 4.46 4.16 -4.50
CA ALA A 100 3.27 4.90 -4.06
C ALA A 100 3.59 6.31 -3.57
N VAL A 101 2.80 7.27 -4.06
CA VAL A 101 3.01 8.69 -3.76
C VAL A 101 1.74 9.43 -3.27
N MET A 102 1.98 10.50 -2.53
CA MET A 102 1.02 11.59 -2.27
C MET A 102 1.38 12.71 -3.27
N ILE A 103 0.38 13.49 -3.67
CA ILE A 103 0.58 14.59 -4.63
C ILE A 103 0.16 15.93 -4.04
N LEU A 104 1.09 16.90 -4.03
CA LEU A 104 0.81 18.29 -3.66
C LEU A 104 0.57 19.11 -4.93
N PHE A 105 -0.57 19.78 -5.01
CA PHE A 105 -0.91 20.70 -6.11
C PHE A 105 -0.98 22.15 -5.61
N TYR A 106 -0.24 23.03 -6.29
CA TYR A 106 -0.21 24.47 -6.00
C TYR A 106 -1.04 25.18 -7.07
N LEU A 107 -2.30 25.49 -6.76
CA LEU A 107 -3.21 26.09 -7.73
C LEU A 107 -2.79 27.51 -8.07
N PRO A 108 -3.08 27.94 -9.31
CA PRO A 108 -2.70 29.30 -9.72
C PRO A 108 -3.27 30.41 -8.82
N ASN A 109 -4.45 30.20 -8.25
CA ASN A 109 -5.08 31.17 -7.35
C ASN A 109 -4.56 31.19 -5.90
N GLY A 110 -3.60 30.34 -5.52
CA GLY A 110 -3.03 30.32 -4.14
C GLY A 110 -3.47 29.14 -3.27
N THR A 111 -4.52 28.47 -3.69
CA THR A 111 -4.97 27.24 -3.00
C THR A 111 -3.92 26.12 -3.11
N VAL A 112 -3.70 25.41 -2.00
CA VAL A 112 -2.77 24.27 -1.96
C VAL A 112 -3.60 23.03 -1.55
N ILE A 113 -3.49 21.97 -2.37
CA ILE A 113 -4.23 20.71 -2.18
C ILE A 113 -3.25 19.54 -2.01
N LEU A 114 -3.47 18.70 -1.00
CA LEU A 114 -2.74 17.42 -0.85
C LEU A 114 -3.69 16.27 -1.09
N HIS A 115 -3.34 15.41 -2.04
CA HIS A 115 -4.03 14.12 -2.28
C HIS A 115 -3.10 13.01 -1.73
N THR A 116 -3.56 12.29 -0.70
CA THR A 116 -2.68 11.29 -0.06
C THR A 116 -2.51 9.98 -0.89
N GLY A 117 -3.34 9.76 -1.91
CA GLY A 117 -3.44 8.43 -2.51
C GLY A 117 -3.82 7.45 -1.40
N ASP A 118 -3.27 6.26 -1.47
CA ASP A 118 -3.26 5.33 -0.30
C ASP A 118 -1.95 5.62 0.50
N PHE A 119 -2.06 5.72 1.83
CA PHE A 119 -0.86 6.05 2.67
C PHE A 119 -0.95 5.40 4.07
N ARG A 120 0.22 5.20 4.69
CA ARG A 120 0.30 4.94 6.11
C ARG A 120 1.05 6.13 6.77
N ALA A 121 0.24 7.01 7.37
CA ALA A 121 0.75 8.23 8.02
C ALA A 121 1.88 7.90 8.97
N ASP A 122 2.92 8.74 8.96
CA ASP A 122 4.07 8.55 9.84
C ASP A 122 4.62 9.94 10.26
N PRO A 123 5.15 10.06 11.48
CA PRO A 123 5.72 11.36 11.92
C PRO A 123 6.81 11.90 10.98
N SER A 124 7.53 11.02 10.27
CA SER A 124 8.57 11.44 9.31
C SER A 124 8.02 12.34 8.21
N MET A 125 6.71 12.23 7.92
CA MET A 125 6.06 13.14 6.97
C MET A 125 5.98 14.60 7.44
N GLU A 126 6.11 14.81 8.75
CA GLU A 126 6.00 16.15 9.36
C GLU A 126 7.28 16.96 9.07
N ARG A 127 8.29 16.30 8.48
CA ARG A 127 9.51 16.98 7.98
C ARG A 127 9.84 16.79 6.50
N SER A 128 8.84 16.59 5.66
CA SER A 128 8.99 16.67 4.21
C SER A 128 8.74 18.12 3.76
N LEU A 129 8.64 18.33 2.43
CA LEU A 129 8.12 19.60 1.87
C LEU A 129 6.72 20.03 2.36
N LEU A 130 5.96 19.13 3.00
CA LEU A 130 4.69 19.51 3.66
C LEU A 130 4.82 20.54 4.74
N ALA A 131 5.98 20.59 5.40
CA ALA A 131 6.17 21.51 6.49
C ALA A 131 6.25 22.97 6.02
N ASP A 132 6.51 23.19 4.73
CA ASP A 132 6.86 24.52 4.15
C ASP A 132 5.73 25.48 3.79
N GLN A 133 4.49 25.00 3.75
CA GLN A 133 3.32 25.84 3.49
C GLN A 133 2.01 25.23 4.00
N LYS A 134 1.06 26.11 4.20
CA LYS A 134 -0.31 25.78 4.51
C LYS A 134 -0.96 24.94 3.39
N VAL A 135 -1.74 23.94 3.81
CA VAL A 135 -2.59 23.09 2.95
C VAL A 135 -4.06 23.38 3.21
N HIS A 136 -4.78 23.77 2.17
CA HIS A 136 -6.18 24.17 2.31
C HIS A 136 -7.13 23.02 2.24
N MET A 137 -6.87 22.09 1.32
CA MET A 137 -7.77 20.95 1.10
C MET A 137 -6.99 19.64 1.10
N LEU A 138 -7.55 18.64 1.79
CA LEU A 138 -6.92 17.31 1.97
C LEU A 138 -7.85 16.20 1.43
N TYR A 139 -7.40 15.47 0.42
CA TYR A 139 -8.11 14.30 -0.08
C TYR A 139 -7.47 13.08 0.59
N LEU A 140 -8.22 12.49 1.51
CA LEU A 140 -7.65 11.63 2.57
C LEU A 140 -8.01 10.16 2.44
N ASP A 141 -7.00 9.28 2.51
CA ASP A 141 -7.21 7.81 2.62
C ASP A 141 -7.76 7.49 4.00
N THR A 142 -9.08 7.24 4.02
CA THR A 142 -9.87 7.01 5.23
C THR A 142 -10.19 5.52 5.47
N THR A 143 -9.40 4.63 4.87
CA THR A 143 -9.64 3.16 4.94
C THR A 143 -10.00 2.69 6.35
N TYR A 144 -9.15 3.05 7.34
CA TYR A 144 -9.34 2.60 8.72
C TYR A 144 -9.73 3.75 9.71
N CYS A 145 -10.61 4.67 9.25
CA CYS A 145 -11.07 5.80 10.07
C CYS A 145 -12.17 5.42 11.08
N SER A 146 -11.78 4.64 12.09
CA SER A 146 -12.61 4.30 13.22
C SER A 146 -11.69 3.80 14.34
N PRO A 147 -11.98 4.18 15.61
CA PRO A 147 -11.02 3.88 16.69
C PRO A 147 -10.77 2.39 16.97
N GLU A 148 -11.66 1.49 16.54
CA GLU A 148 -11.39 0.05 16.68
C GLU A 148 -10.16 -0.43 15.91
N TYR A 149 -9.72 0.33 14.91
CA TYR A 149 -8.59 -0.06 14.08
C TYR A 149 -7.27 0.37 14.70
N THR A 150 -6.75 -0.51 15.55
CA THR A 150 -5.41 -0.48 16.05
C THR A 150 -4.66 -1.63 15.37
N PHE A 151 -3.38 -1.40 15.10
CA PHE A 151 -2.52 -2.52 14.81
C PHE A 151 -1.06 -2.15 15.17
N PRO A 152 -0.19 -3.14 15.25
CA PRO A 152 1.20 -2.87 15.69
C PRO A 152 1.99 -2.15 14.61
N SER A 153 3.21 -1.72 14.96
CA SER A 153 4.11 -1.20 13.95
C SER A 153 4.48 -2.34 12.97
N GLN A 154 4.87 -1.96 11.77
CA GLN A 154 5.44 -2.89 10.81
C GLN A 154 6.70 -3.60 11.38
N GLN A 155 7.55 -2.87 12.11
CA GLN A 155 8.74 -3.46 12.72
C GLN A 155 8.37 -4.61 13.68
N GLU A 156 7.38 -4.40 14.55
CA GLU A 156 6.96 -5.44 15.54
C GLU A 156 6.42 -6.70 14.80
N VAL A 157 5.68 -6.50 13.73
CA VAL A 157 5.10 -7.61 12.97
C VAL A 157 6.20 -8.41 12.26
N ILE A 158 7.19 -7.71 11.70
CA ILE A 158 8.33 -8.37 11.05
C ILE A 158 9.18 -9.16 12.07
N ARG A 159 9.43 -8.58 13.26
CA ARG A 159 10.14 -9.31 14.32
C ARG A 159 9.43 -10.63 14.64
N PHE A 160 8.10 -10.57 14.77
CA PHE A 160 7.30 -11.78 15.02
C PHE A 160 7.47 -12.84 13.92
N ALA A 161 7.34 -12.43 12.66
CA ALA A 161 7.49 -13.33 11.50
C ALA A 161 8.87 -13.96 11.39
N ILE A 162 9.92 -13.13 11.53
CA ILE A 162 11.34 -13.61 11.50
C ILE A 162 11.56 -14.66 12.59
N ASN A 163 11.08 -14.35 13.80
CA ASN A 163 11.39 -15.22 14.98
C ASN A 163 10.66 -16.55 14.84
N THR A 164 9.40 -16.48 14.40
CA THR A 164 8.56 -17.68 14.16
C THR A 164 9.11 -18.63 13.06
N ALA A 165 9.52 -18.04 11.93
CA ALA A 165 10.09 -18.79 10.83
C ALA A 165 11.46 -19.41 11.21
N PHE A 166 12.32 -18.62 11.83
CA PHE A 166 13.64 -19.10 12.25
C PHE A 166 13.49 -20.27 13.23
N GLU A 167 12.60 -20.12 14.21
CA GLU A 167 12.40 -21.23 15.20
C GLU A 167 11.93 -22.51 14.49
N ALA A 168 10.92 -22.37 13.63
CA ALA A 168 10.33 -23.52 12.96
C ALA A 168 11.30 -24.31 12.08
N VAL A 169 12.12 -23.58 11.31
CA VAL A 169 13.04 -24.21 10.37
C VAL A 169 14.31 -24.76 11.08
N THR A 170 14.71 -24.15 12.19
CA THR A 170 15.84 -24.65 13.00
C THR A 170 15.39 -25.94 13.69
N LEU A 171 14.16 -26.00 14.16
CA LEU A 171 13.63 -27.25 14.78
C LEU A 171 13.45 -28.36 13.73
N ASN A 172 12.92 -27.99 12.56
CA ASN A 172 12.74 -28.90 11.42
C ASN A 172 13.35 -28.38 10.12
N PRO A 173 14.61 -28.79 9.78
CA PRO A 173 15.24 -28.32 8.52
C PRO A 173 14.51 -28.72 7.23
N HIS A 174 13.59 -29.67 7.32
CA HIS A 174 12.72 -30.04 6.18
C HIS A 174 11.38 -29.33 6.12
N ALA A 175 11.17 -28.28 6.95
CA ALA A 175 9.98 -27.42 6.81
C ALA A 175 10.11 -26.41 5.66
N LEU A 176 9.01 -26.19 4.94
CA LEU A 176 8.92 -25.11 3.92
C LEU A 176 8.17 -23.91 4.47
N VAL A 177 8.65 -22.70 4.19
CA VAL A 177 7.89 -21.47 4.50
C VAL A 177 7.20 -20.97 3.22
N VAL A 178 5.91 -20.65 3.33
CA VAL A 178 5.13 -20.05 2.21
C VAL A 178 4.54 -18.70 2.64
N CYS A 179 4.63 -17.70 1.75
N CYS A 179 4.65 -17.69 1.77
CA CYS A 179 4.01 -16.40 1.98
CA CYS A 179 4.01 -16.40 2.00
C CYS A 179 3.02 -16.10 0.85
C CYS A 179 3.00 -16.19 0.87
N GLY A 180 1.82 -15.67 1.21
CA GLY A 180 0.79 -15.26 0.20
C GLY A 180 0.97 -13.83 -0.32
N THR A 181 0.64 -13.63 -1.61
CA THR A 181 0.67 -12.31 -2.27
C THR A 181 -0.40 -12.22 -3.39
N TYR A 182 -0.99 -11.05 -3.59
CA TYR A 182 -1.89 -10.83 -4.78
C TYR A 182 -1.73 -9.48 -5.48
N SER A 183 -0.75 -8.72 -5.03
CA SER A 183 -0.45 -7.43 -5.55
C SER A 183 0.94 -7.00 -5.01
N ILE A 184 1.49 -5.92 -5.52
CA ILE A 184 2.69 -5.35 -4.91
C ILE A 184 2.35 -4.81 -3.50
N GLY A 185 3.40 -4.58 -2.70
CA GLY A 185 3.27 -4.25 -1.29
C GLY A 185 3.64 -5.40 -0.39
N LYS A 186 4.07 -5.05 0.82
CA LYS A 186 4.36 -6.02 1.91
C LYS A 186 5.53 -6.98 1.60
N GLU A 187 6.43 -6.52 0.72
CA GLU A 187 7.61 -7.28 0.31
C GLU A 187 8.53 -7.59 1.50
N LYS A 188 8.56 -6.70 2.51
CA LYS A 188 9.43 -6.91 3.67
C LYS A 188 9.13 -8.24 4.38
N VAL A 189 7.88 -8.68 4.34
CA VAL A 189 7.54 -9.92 5.03
C VAL A 189 8.36 -11.10 4.48
N PHE A 190 8.28 -11.36 3.18
CA PHE A 190 9.00 -12.50 2.61
C PHE A 190 10.52 -12.24 2.48
N LEU A 191 10.95 -11.01 2.24
CA LEU A 191 12.36 -10.71 2.15
C LEU A 191 13.08 -10.89 3.51
N ALA A 192 12.47 -10.43 4.59
CA ALA A 192 13.06 -10.56 5.93
C ALA A 192 13.15 -12.01 6.39
N ILE A 193 12.11 -12.79 6.11
CA ILE A 193 12.17 -14.21 6.44
C ILE A 193 13.27 -14.92 5.63
N ALA A 194 13.32 -14.69 4.32
CA ALA A 194 14.38 -15.33 3.50
C ALA A 194 15.81 -14.96 4.00
N ASP A 195 15.97 -13.68 4.38
CA ASP A 195 17.27 -13.21 4.90
C ASP A 195 17.67 -13.94 6.19
N VAL A 196 16.72 -14.16 7.11
CA VAL A 196 17.09 -14.87 8.36
C VAL A 196 17.40 -16.36 8.13
N LEU A 197 16.81 -16.95 7.10
CA LEU A 197 17.01 -18.37 6.79
C LEU A 197 18.16 -18.66 5.79
N GLY A 198 18.80 -17.60 5.27
CA GLY A 198 19.84 -17.76 4.26
C GLY A 198 19.38 -18.38 2.94
N SER A 199 18.16 -18.00 2.52
CA SER A 199 17.55 -18.52 1.31
C SER A 199 17.15 -17.35 0.39
N LYS A 200 17.04 -17.64 -0.91
CA LYS A 200 16.30 -16.75 -1.82
C LYS A 200 14.82 -17.10 -1.75
N VAL A 201 13.99 -16.17 -2.20
CA VAL A 201 12.55 -16.36 -2.29
C VAL A 201 12.21 -16.82 -3.71
N GLY A 202 11.60 -17.99 -3.81
CA GLY A 202 11.16 -18.58 -5.07
C GLY A 202 9.74 -18.17 -5.43
N MET A 203 9.51 -17.93 -6.72
CA MET A 203 8.22 -17.43 -7.18
C MET A 203 8.02 -17.70 -8.68
N SER A 204 6.79 -17.51 -9.15
CA SER A 204 6.46 -17.58 -10.58
C SER A 204 7.25 -16.55 -11.42
N GLN A 205 7.37 -16.84 -12.68
CA GLN A 205 7.96 -15.87 -13.64
C GLN A 205 7.26 -14.51 -13.63
N GLU A 206 5.93 -14.52 -13.59
CA GLU A 206 5.13 -13.27 -13.58
C GLU A 206 5.43 -12.42 -12.35
N LYS A 207 5.50 -13.04 -11.16
CA LYS A 207 5.82 -12.30 -9.94
C LYS A 207 7.26 -11.80 -9.90
N TYR A 208 8.20 -12.62 -10.39
CA TYR A 208 9.59 -12.21 -10.54
C TYR A 208 9.72 -10.94 -11.42
N LYS A 209 9.00 -10.93 -12.55
CA LYS A 209 8.97 -9.75 -13.48
C LYS A 209 8.50 -8.51 -12.73
N THR A 210 7.40 -8.65 -12.01
CA THR A 210 6.83 -7.55 -11.19
C THR A 210 7.87 -7.02 -10.21
N LEU A 211 8.50 -7.89 -9.45
CA LEU A 211 9.52 -7.43 -8.51
C LEU A 211 10.76 -6.78 -9.18
N GLN A 212 11.16 -7.26 -10.36
CA GLN A 212 12.28 -6.63 -11.11
C GLN A 212 11.98 -5.17 -11.53
N CYS A 213 10.71 -4.77 -11.58
CA CYS A 213 10.33 -3.36 -11.88
C CYS A 213 10.48 -2.37 -10.71
N LEU A 214 10.71 -2.85 -9.49
CA LEU A 214 10.61 -2.03 -8.25
C LEU A 214 11.82 -1.26 -7.68
N ASN A 215 12.93 -1.20 -8.39
CA ASN A 215 14.19 -0.57 -7.84
C ASN A 215 14.62 -0.98 -6.40
N ILE A 216 14.40 -2.23 -6.02
CA ILE A 216 14.81 -2.68 -4.70
C ILE A 216 16.29 -3.03 -4.80
N PRO A 217 17.14 -2.42 -3.94
CA PRO A 217 18.59 -2.72 -3.99
C PRO A 217 18.93 -4.19 -3.73
N GLU A 218 19.83 -4.70 -4.54
CA GLU A 218 20.35 -6.07 -4.46
C GLU A 218 19.27 -7.13 -4.72
N ILE A 219 18.23 -6.78 -5.48
CA ILE A 219 17.08 -7.70 -5.66
C ILE A 219 17.53 -9.00 -6.34
N ASN A 220 18.43 -8.95 -7.29
CA ASN A 220 18.93 -10.21 -7.90
C ASN A 220 19.50 -11.20 -6.84
N SER A 221 20.04 -10.65 -5.75
CA SER A 221 20.52 -11.45 -4.62
C SER A 221 19.44 -12.07 -3.73
N LEU A 222 18.18 -11.64 -3.80
CA LEU A 222 17.12 -12.11 -2.87
C LEU A 222 15.98 -12.95 -3.48
N ILE A 223 15.79 -12.88 -4.79
CA ILE A 223 14.65 -13.55 -5.44
C ILE A 223 15.09 -14.45 -6.60
N THR A 224 14.27 -15.44 -6.93
CA THR A 224 14.60 -16.43 -7.96
C THR A 224 13.33 -17.07 -8.48
N THR A 225 13.41 -17.61 -9.70
CA THR A 225 12.36 -18.45 -10.27
C THR A 225 12.64 -19.95 -10.07
N ASP A 226 13.79 -20.27 -9.48
CA ASP A 226 14.14 -21.68 -9.24
C ASP A 226 13.60 -22.10 -7.87
N MET A 227 12.40 -22.66 -7.89
CA MET A 227 11.67 -23.00 -6.66
C MET A 227 12.44 -24.07 -5.88
N CYS A 228 13.06 -25.00 -6.60
CA CYS A 228 13.81 -26.11 -5.97
C CYS A 228 14.99 -25.67 -5.10
N SER A 229 15.59 -24.53 -5.39
CA SER A 229 16.75 -24.07 -4.64
C SER A 229 16.37 -23.20 -3.44
N SER A 230 15.08 -22.98 -3.21
CA SER A 230 14.57 -22.01 -2.24
C SER A 230 13.73 -22.69 -1.15
N LEU A 231 13.82 -22.21 0.10
CA LEU A 231 12.90 -22.70 1.17
C LEU A 231 11.89 -21.66 1.66
N VAL A 232 11.79 -20.54 0.93
CA VAL A 232 10.69 -19.60 1.09
C VAL A 232 10.03 -19.45 -0.29
N HIS A 233 8.76 -19.84 -0.39
CA HIS A 233 7.99 -19.77 -1.65
C HIS A 233 6.87 -18.75 -1.54
N LEU A 234 6.65 -17.99 -2.61
CA LEU A 234 5.50 -17.11 -2.72
C LEU A 234 4.44 -17.80 -3.55
N LEU A 235 3.21 -17.75 -3.07
CA LEU A 235 2.04 -18.26 -3.83
C LEU A 235 0.95 -17.19 -3.84
N PRO A 236 -0.01 -17.28 -4.80
CA PRO A 236 -1.20 -16.45 -4.75
C PRO A 236 -1.92 -16.55 -3.42
N MET A 237 -2.41 -15.43 -2.92
CA MET A 237 -3.15 -15.35 -1.64
C MET A 237 -4.31 -16.36 -1.57
N MET A 238 -5.03 -16.51 -2.68
CA MET A 238 -6.06 -17.55 -2.89
C MET A 238 -5.71 -18.96 -2.47
N GLN A 239 -4.43 -19.32 -2.65
CA GLN A 239 -3.93 -20.67 -2.40
C GLN A 239 -3.48 -20.89 -0.94
N ILE A 240 -3.56 -19.86 -0.09
CA ILE A 240 -3.14 -19.98 1.32
C ILE A 240 -4.31 -20.50 2.15
N ASN A 241 -4.52 -21.81 2.03
CA ASN A 241 -5.54 -22.55 2.77
C ASN A 241 -5.10 -24.02 2.80
N PHE A 242 -5.74 -24.83 3.61
CA PHE A 242 -5.24 -26.21 3.80
C PHE A 242 -5.19 -27.04 2.49
N LYS A 243 -6.23 -26.95 1.66
CA LYS A 243 -6.24 -27.65 0.37
C LYS A 243 -5.10 -27.22 -0.55
N GLY A 244 -4.96 -25.90 -0.70
CA GLY A 244 -3.99 -25.32 -1.63
C GLY A 244 -2.55 -25.59 -1.21
N LEU A 245 -2.32 -25.62 0.10
CA LEU A 245 -0.97 -25.85 0.63
C LEU A 245 -0.60 -27.35 0.65
N GLN A 246 -1.58 -28.21 0.99
CA GLN A 246 -1.43 -29.67 0.79
C GLN A 246 -1.02 -29.99 -0.64
N SER A 247 -1.69 -29.38 -1.61
CA SER A 247 -1.37 -29.57 -3.02
C SER A 247 0.03 -29.10 -3.38
N HIS A 248 0.44 -27.94 -2.87
CA HIS A 248 1.78 -27.44 -3.12
C HIS A 248 2.86 -28.35 -2.54
N LEU A 249 2.59 -28.91 -1.36
CA LEU A 249 3.52 -29.83 -0.71
C LEU A 249 3.74 -31.10 -1.55
N LYS A 250 2.65 -31.62 -2.13
CA LYS A 250 2.75 -32.75 -3.06
C LYS A 250 3.70 -32.46 -4.22
N LYS A 251 3.62 -31.26 -4.79
CA LYS A 251 4.46 -30.87 -5.93
C LYS A 251 5.95 -30.75 -5.64
N CYS A 252 6.32 -30.58 -4.37
CA CYS A 252 7.73 -30.44 -4.00
C CYS A 252 8.46 -31.79 -3.91
N GLY A 253 7.76 -32.90 -4.14
CA GLY A 253 8.38 -34.19 -4.43
C GLY A 253 9.12 -34.82 -3.27
N GLY A 254 8.61 -34.64 -2.06
CA GLY A 254 9.22 -35.20 -0.87
C GLY A 254 10.47 -34.48 -0.37
N LYS A 255 10.72 -33.26 -0.85
CA LYS A 255 11.80 -32.43 -0.31
C LYS A 255 11.42 -31.86 1.08
N TYR A 256 10.13 -31.61 1.29
CA TYR A 256 9.63 -31.06 2.54
C TYR A 256 8.55 -31.94 3.15
N ASN A 257 8.40 -31.83 4.47
CA ASN A 257 7.38 -32.59 5.22
C ASN A 257 6.50 -31.76 6.17
N GLN A 258 6.59 -30.42 6.06
CA GLN A 258 5.82 -29.48 6.90
C GLN A 258 5.76 -28.14 6.15
N ILE A 259 4.62 -27.43 6.26
CA ILE A 259 4.50 -26.03 5.79
C ILE A 259 4.14 -25.07 6.96
N LEU A 260 4.90 -23.98 7.04
CA LEU A 260 4.58 -22.82 7.86
C LEU A 260 4.21 -21.73 6.83
N ALA A 261 2.96 -21.29 6.82
CA ALA A 261 2.49 -20.23 5.90
C ALA A 261 2.04 -18.94 6.61
N PHE A 262 2.24 -17.82 5.89
CA PHE A 262 1.86 -16.49 6.38
C PHE A 262 0.89 -15.81 5.40
N ARG A 263 -0.22 -15.29 5.94
CA ARG A 263 -1.16 -14.40 5.21
C ARG A 263 -1.07 -13.00 5.85
N PRO A 264 -0.44 -12.01 5.18
CA PRO A 264 -0.22 -10.67 5.80
C PRO A 264 -1.37 -9.63 5.73
N THR A 265 -2.59 -10.06 6.00
CA THR A 265 -3.81 -9.20 5.99
C THR A 265 -3.66 -7.79 6.62
N GLY A 266 -4.50 -6.84 6.21
CA GLY A 266 -4.51 -5.49 6.79
C GLY A 266 -4.87 -5.48 8.27
N TRP A 267 -6.17 -5.63 8.53
CA TRP A 267 -6.76 -5.77 9.87
C TRP A 267 -7.72 -6.97 9.92
N THR A 268 -7.73 -7.64 11.07
CA THR A 268 -8.76 -8.61 11.45
C THR A 268 -9.07 -8.48 12.97
N HIS A 269 -10.36 -8.24 13.29
CA HIS A 269 -10.94 -8.12 14.68
C HIS A 269 -10.20 -8.67 15.91
N SER A 270 -9.45 -9.76 15.77
CA SER A 270 -8.56 -10.23 16.85
C SER A 270 -7.58 -9.15 17.39
N ASN A 271 -7.25 -8.15 16.57
CA ASN A 271 -6.52 -6.93 17.00
C ASN A 271 -7.09 -6.24 18.25
N LYS A 272 -8.42 -6.21 18.37
CA LYS A 272 -9.13 -5.58 19.49
C LYS A 272 -8.78 -6.14 20.87
N PHE A 273 -8.59 -7.46 20.94
CA PHE A 273 -8.46 -8.18 22.21
C PHE A 273 -7.12 -8.91 22.38
N THR A 274 -6.17 -8.71 21.45
CA THR A 274 -4.94 -9.51 21.41
C THR A 274 -3.73 -8.61 21.13
N ARG A 275 -2.56 -9.07 21.58
CA ARG A 275 -1.26 -8.45 21.24
C ARG A 275 -0.50 -9.34 20.25
N ILE A 276 0.50 -8.78 19.56
CA ILE A 276 1.21 -9.51 18.48
C ILE A 276 1.90 -10.75 19.03
N ALA A 277 2.54 -10.62 20.20
CA ALA A 277 3.16 -11.74 20.89
C ALA A 277 2.21 -12.93 21.09
N ASP A 278 0.91 -12.64 21.28
CA ASP A 278 -0.11 -13.65 21.56
C ASP A 278 -0.78 -14.34 20.35
N VAL A 279 -0.39 -13.97 19.12
CA VAL A 279 -0.98 -14.55 17.88
C VAL A 279 -0.62 -16.02 17.70
N ILE A 280 -1.62 -16.84 17.32
CA ILE A 280 -1.45 -18.28 17.13
C ILE A 280 -1.96 -18.71 15.75
N PRO A 281 -1.43 -19.81 15.19
CA PRO A 281 -1.87 -20.22 13.89
C PRO A 281 -3.09 -21.10 13.93
N GLN A 282 -3.68 -21.29 12.76
CA GLN A 282 -4.61 -22.39 12.49
C GLN A 282 -3.80 -23.58 11.96
N THR A 283 -4.03 -24.78 12.52
CA THR A 283 -3.24 -25.94 12.16
C THR A 283 -4.11 -27.14 11.79
N LYS A 284 -3.68 -27.86 10.75
CA LYS A 284 -4.27 -29.15 10.39
C LYS A 284 -3.12 -30.05 9.91
N GLY A 285 -2.88 -31.13 10.63
CA GLY A 285 -1.79 -32.03 10.28
C GLY A 285 -0.46 -31.31 10.34
N ASN A 286 0.31 -31.37 9.25
CA ASN A 286 1.66 -30.79 9.17
C ASN A 286 1.68 -29.40 8.49
N ILE A 287 0.53 -28.70 8.52
CA ILE A 287 0.38 -27.36 7.94
C ILE A 287 -0.13 -26.39 9.00
N SER A 288 0.56 -25.27 9.16
CA SER A 288 0.14 -24.17 10.05
C SER A 288 0.05 -22.89 9.24
N ILE A 289 -1.03 -22.11 9.45
CA ILE A 289 -1.25 -20.79 8.79
C ILE A 289 -1.39 -19.64 9.81
N TYR A 290 -0.51 -18.63 9.71
CA TYR A 290 -0.54 -17.47 10.58
C TYR A 290 -1.11 -16.31 9.79
N GLY A 291 -2.12 -15.65 10.34
CA GLY A 291 -2.56 -14.34 9.82
C GLY A 291 -1.88 -13.25 10.62
N ILE A 292 -1.12 -12.38 9.93
CA ILE A 292 -0.34 -11.36 10.62
C ILE A 292 -0.82 -9.98 10.15
N PRO A 293 -1.01 -9.05 11.10
CA PRO A 293 -1.61 -7.73 10.81
C PRO A 293 -0.60 -6.71 10.30
N TYR A 294 -0.02 -7.00 9.13
CA TYR A 294 0.92 -6.09 8.47
C TYR A 294 0.11 -5.10 7.62
N SER A 295 -0.01 -3.85 8.06
CA SER A 295 -0.81 -2.84 7.33
C SER A 295 0.05 -1.87 6.57
N GLU A 296 -0.40 -1.56 5.34
CA GLU A 296 0.16 -0.42 4.58
C GLU A 296 -0.81 0.77 4.50
N HIS A 297 -1.76 0.83 5.43
CA HIS A 297 -2.65 1.99 5.61
C HIS A 297 -2.57 2.49 7.06
N SER A 298 -2.87 3.77 7.26
CA SER A 298 -2.85 4.41 8.58
C SER A 298 -3.78 3.69 9.55
N SER A 299 -3.32 3.41 10.76
CA SER A 299 -4.27 3.17 11.86
C SER A 299 -5.13 4.41 12.14
N TYR A 300 -6.18 4.29 12.95
CA TYR A 300 -6.98 5.45 13.36
C TYR A 300 -6.10 6.52 14.04
N LEU A 301 -5.27 6.11 14.99
CA LEU A 301 -4.44 7.10 15.72
C LEU A 301 -3.37 7.77 14.84
N GLU A 302 -2.77 7.03 13.91
CA GLU A 302 -1.76 7.57 12.97
C GLU A 302 -2.44 8.63 12.07
N MET A 303 -3.61 8.29 11.58
CA MET A 303 -4.44 9.22 10.71
C MET A 303 -4.80 10.50 11.47
N LYS A 304 -5.31 10.32 12.68
CA LYS A 304 -5.67 11.44 13.57
C LYS A 304 -4.48 12.40 13.79
N ARG A 305 -3.34 11.82 14.17
CA ARG A 305 -2.15 12.66 14.42
C ARG A 305 -1.75 13.48 13.18
N PHE A 306 -1.69 12.83 12.02
CA PHE A 306 -1.35 13.50 10.74
C PHE A 306 -2.28 14.69 10.46
N VAL A 307 -3.60 14.45 10.54
CA VAL A 307 -4.57 15.50 10.24
C VAL A 307 -4.50 16.63 11.27
N GLN A 308 -4.34 16.30 12.57
CA GLN A 308 -4.23 17.36 13.60
C GLN A 308 -2.94 18.19 13.45
N TRP A 309 -1.89 17.59 12.87
CA TRP A 309 -0.63 18.31 12.55
C TRP A 309 -0.79 19.22 11.33
N LEU A 310 -1.41 18.68 10.27
CA LEU A 310 -1.58 19.40 9.00
C LEU A 310 -2.57 20.57 9.09
N LYS A 311 -3.63 20.42 9.90
CA LYS A 311 -4.66 21.45 10.11
C LYS A 311 -5.30 21.96 8.78
N PRO A 312 -5.81 21.04 7.95
CA PRO A 312 -6.47 21.46 6.68
C PRO A 312 -7.77 22.22 6.91
N GLN A 313 -8.15 23.11 5.99
CA GLN A 313 -9.44 23.78 6.07
C GLN A 313 -10.63 22.89 5.69
N LYS A 314 -10.43 21.96 4.74
CA LYS A 314 -11.47 21.06 4.26
C LYS A 314 -10.86 19.66 4.06
N ILE A 315 -11.59 18.62 4.51
CA ILE A 315 -11.22 17.22 4.25
C ILE A 315 -12.26 16.54 3.34
N ILE A 316 -11.75 15.86 2.32
CA ILE A 316 -12.56 15.08 1.37
C ILE A 316 -12.10 13.61 1.50
N PRO A 317 -12.92 12.75 2.14
CA PRO A 317 -12.53 11.31 2.19
C PRO A 317 -12.56 10.65 0.81
N THR A 318 -11.65 9.71 0.58
CA THR A 318 -11.60 8.93 -0.66
C THR A 318 -11.92 7.42 -0.53
N VAL A 319 -12.18 6.97 0.70
CA VAL A 319 -12.47 5.56 1.00
C VAL A 319 -13.65 5.50 1.99
N ASN A 320 -14.49 4.47 1.82
CA ASN A 320 -15.71 4.29 2.63
C ASN A 320 -16.74 5.38 2.36
N VAL A 321 -16.76 5.90 1.13
CA VAL A 321 -17.67 7.00 0.79
C VAL A 321 -19.05 6.52 0.30
N GLY A 322 -19.25 5.21 0.21
CA GLY A 322 -20.45 4.68 -0.47
C GLY A 322 -21.72 4.55 0.37
N THR A 323 -21.62 4.70 1.70
CA THR A 323 -22.77 4.63 2.60
C THR A 323 -22.95 5.88 3.45
N TRP A 324 -24.22 6.25 3.73
CA TRP A 324 -24.49 7.43 4.54
C TRP A 324 -23.97 7.26 5.97
N LYS A 325 -24.11 6.05 6.52
CA LYS A 325 -23.59 5.75 7.87
C LYS A 325 -22.08 5.95 7.96
N SER A 326 -21.33 5.45 6.98
CA SER A 326 -19.85 5.62 6.95
C SER A 326 -19.46 7.08 6.82
N ARG A 327 -20.12 7.78 5.91
CA ARG A 327 -19.81 9.20 5.70
C ARG A 327 -20.09 10.02 6.98
N SER A 328 -21.23 9.77 7.64
CA SER A 328 -21.62 10.46 8.88
C SER A 328 -20.62 10.18 10.00
N THR A 329 -20.23 8.92 10.11
CA THR A 329 -19.22 8.52 11.11
C THR A 329 -17.89 9.26 10.91
N MET A 330 -17.38 9.26 9.70
CA MET A 330 -16.09 9.94 9.44
C MET A 330 -16.16 11.45 9.73
N GLU A 331 -17.24 12.10 9.29
N GLU A 331 -17.24 12.11 9.29
CA GLU A 331 -17.45 13.54 9.55
CA GLU A 331 -17.43 13.55 9.58
C GLU A 331 -17.50 13.88 11.05
C GLU A 331 -17.45 13.86 11.07
N LYS A 332 -18.07 13.00 11.87
CA LYS A 332 -18.07 13.18 13.33
C LYS A 332 -16.66 13.12 13.89
N TYR A 333 -15.85 12.21 13.40
CA TYR A 333 -14.42 12.13 13.84
C TYR A 333 -13.62 13.37 13.43
N PHE A 334 -13.82 13.84 12.20
CA PHE A 334 -13.07 15.01 11.73
C PHE A 334 -13.39 16.23 12.62
N ARG A 335 -14.67 16.38 12.97
CA ARG A 335 -15.09 17.48 13.89
C ARG A 335 -14.46 17.34 15.27
N GLU A 336 -14.47 16.12 15.84
N GLU A 336 -14.46 16.13 15.83
CA GLU A 336 -13.80 15.88 17.11
CA GLU A 336 -13.82 15.87 17.10
C GLU A 336 -12.34 16.33 17.03
C GLU A 336 -12.33 16.26 17.07
N TRP A 337 -11.63 15.91 15.97
CA TRP A 337 -10.19 16.18 15.84
C TRP A 337 -9.90 17.68 15.80
N LYS A 338 -10.75 18.41 15.08
N LYS A 338 -10.74 18.39 15.05
CA LYS A 338 -10.62 19.87 14.95
CA LYS A 338 -10.64 19.82 14.87
C LYS A 338 -10.92 20.60 16.27
C LYS A 338 -10.81 20.55 16.21
N LEU A 339 -11.95 20.16 17.01
N LEU A 339 -11.89 20.22 16.93
CA LEU A 339 -12.28 20.76 18.31
CA LEU A 339 -12.18 20.84 18.23
C LEU A 339 -11.17 20.55 19.36
C LEU A 339 -11.18 20.44 19.33
N GLU A 340 -10.58 19.36 19.37
N GLU A 340 -10.72 19.18 19.33
CA GLU A 340 -9.50 19.03 20.29
CA GLU A 340 -9.75 18.70 20.32
C GLU A 340 -8.27 19.91 19.99
C GLU A 340 -8.38 19.32 20.08
N ALA A 341 -7.88 19.98 18.72
N ALA A 341 -7.99 19.46 18.80
CA ALA A 341 -6.60 20.62 18.36
CA ALA A 341 -6.82 20.26 18.45
C ALA A 341 -6.69 22.13 18.31
C ALA A 341 -7.08 21.65 19.02
N GLY A 342 -7.86 22.71 18.03
N GLY A 342 -8.22 22.24 18.64
CA GLY A 342 -8.05 24.15 18.10
CA GLY A 342 -8.72 23.48 19.25
C GLY A 342 -8.03 24.92 16.79
C GLY A 342 -9.12 24.59 18.30
N TYR A 343 -7.90 24.21 15.67
N TYR A 343 -9.00 24.35 16.99
CA TYR A 343 -7.98 24.80 14.32
CA TYR A 343 -8.70 25.41 16.05
C TYR A 343 -9.43 24.85 13.85
C TYR A 343 -9.30 25.18 14.67
C1 MLI B . -5.68 -1.86 -2.15
C2 MLI B . -5.06 -1.37 -0.87
C3 MLI B . -6.01 -0.76 -3.14
O6 MLI B . -5.51 -1.74 0.23
O7 MLI B . -4.10 -0.60 -0.97
O8 MLI B . -7.09 -0.83 -3.77
O9 MLI B . -5.14 0.11 -3.35
NI NI C . -3.41 0.65 -2.43
N1 AWP D . -7.37 21.17 12.51
N3 AWP D . -14.35 19.88 8.96
C4 AWP D . -9.05 21.40 10.82
C5 AWP D . -9.27 20.03 10.78
C6 AWP D . -10.31 19.42 9.87
C7 AWP D . -10.77 20.36 8.79
C8 AWP D . -13.07 19.68 9.29
C10 AWP D . -14.61 18.06 7.41
C13 AWP D . -14.65 19.69 5.16
C1 AWP D . -8.52 19.25 11.66
C2 AWP D . -7.60 19.85 12.48
C3 AWP D . -8.09 21.92 11.68
N2 AWP D . -12.17 20.23 8.45
O1 AWP D . -12.73 19.06 10.29
C9 AWP D . -14.90 19.52 7.65
C11 AWP D . -15.42 17.55 6.22
C12 AWP D . -15.76 18.66 5.26
C14 AWP D . -14.34 20.35 6.51
#